data_6JNN
#
_entry.id   6JNN
#
_cell.length_a   70.969
_cell.length_b   70.969
_cell.length_c   141.076
_cell.angle_alpha   90.00
_cell.angle_beta   90.00
_cell.angle_gamma   120.00
#
_symmetry.space_group_name_H-M   'P 31'
#
loop_
_entity.id
_entity.type
_entity.pdbx_description
1 polymer 'Lysine-specific demethylase REF6'
2 polymer "DNA (5'-D(*TP*TP*(5CM)P*TP*CP*TP*GP*TP*TP*TP*TP*G)-3')"
3 polymer "DNA (5'-D(*CP*AP*AP*AP*AP*CP*AP*GP*AP*GP*AP*A)-3')"
4 non-polymer 'ZINC ION'
#
loop_
_entity_poly.entity_id
_entity_poly.type
_entity_poly.pdbx_seq_one_letter_code
_entity_poly.pdbx_strand_id
1 'polypeptide(L)'
;LMLHKRNICPIKGCGKNFFSHKYLVQHQRVHSDDRPLKCPWKGCKMTFKWAWSRTEHIRVHTGARPYVCAEPDCGQTFRF
VSDFSRHKRKTGHSVKKTNKR
;
A,B,N,G
2 'polydeoxyribonucleotide' (DT)(DT)(5CM)(DT)(DC)(DT)(DG)(DT)(DT)(DT)(DT)(DG) D,F,I,L
3 'polydeoxyribonucleotide' (DC)(DA)(DA)(DA)(DA)(DC)(DA)(DG)(DA)(DG)(DA)(DA) C,E,H,K
#
# COMPACT_ATOMS: atom_id res chain seq x y z
N ARG A 6 -3.78 21.93 -2.29
CA ARG A 6 -4.53 20.78 -2.74
C ARG A 6 -5.50 20.34 -1.66
N ASN A 7 -6.30 19.32 -1.96
CA ASN A 7 -7.35 18.79 -1.06
C ASN A 7 -6.90 17.50 -0.38
N ILE A 8 -6.84 17.53 0.96
CA ILE A 8 -6.23 16.43 1.70
C ILE A 8 -7.12 16.01 2.85
N CYS A 9 -7.30 14.68 2.98
CA CYS A 9 -8.11 14.11 4.07
C CYS A 9 -7.43 14.37 5.42
N PRO A 10 -8.18 14.98 6.37
CA PRO A 10 -7.61 15.21 7.70
C PRO A 10 -7.45 13.95 8.54
N ILE A 11 -8.03 12.81 8.15
CA ILE A 11 -7.92 11.61 9.01
C ILE A 11 -6.52 11.05 9.02
N LYS A 12 -5.90 11.12 10.19
CA LYS A 12 -4.54 10.66 10.38
C LYS A 12 -4.45 9.19 9.99
N GLY A 13 -3.74 8.90 8.91
CA GLY A 13 -3.62 7.52 8.43
C GLY A 13 -3.95 7.36 6.96
N CYS A 14 -4.83 8.22 6.41
CA CYS A 14 -4.93 8.38 4.96
C CYS A 14 -4.91 9.88 4.77
N GLY A 15 -3.74 10.39 4.40
CA GLY A 15 -3.59 11.81 4.06
C GLY A 15 -3.85 11.88 2.58
N LYS A 16 -4.87 11.18 2.07
CA LYS A 16 -5.11 11.11 0.65
C LYS A 16 -5.53 12.47 0.09
N ASN A 17 -5.21 12.66 -1.19
CA ASN A 17 -5.40 13.93 -1.90
C ASN A 17 -6.46 13.76 -2.97
N PHE A 18 -7.34 14.75 -3.10
CA PHE A 18 -8.51 14.64 -3.97
C PHE A 18 -8.69 15.84 -4.87
N PHE A 19 -9.06 15.56 -6.13
CA PHE A 19 -9.27 16.59 -7.16
C PHE A 19 -10.17 17.74 -6.72
N SER A 20 -11.23 17.42 -5.95
CA SER A 20 -12.21 18.42 -5.55
C SER A 20 -12.39 18.46 -4.04
N HIS A 21 -12.88 19.57 -3.55
CA HIS A 21 -13.20 19.63 -2.14
C HIS A 21 -14.48 18.88 -1.83
N LYS A 22 -15.47 19.01 -2.70
CA LYS A 22 -16.74 18.35 -2.50
C LYS A 22 -16.57 16.83 -2.31
N TYR A 23 -15.74 16.23 -3.16
CA TYR A 23 -15.44 14.84 -2.98
C TYR A 23 -14.59 14.58 -1.78
N LEU A 24 -13.89 15.59 -1.27
CA LEU A 24 -13.19 15.42 0.03
C LEU A 24 -14.23 15.22 1.16
N VAL A 25 -15.32 15.96 1.10
CA VAL A 25 -16.42 15.72 2.01
C VAL A 25 -16.98 14.30 1.81
N GLN A 26 -17.37 13.98 0.58
CA GLN A 26 -18.00 12.68 0.29
C GLN A 26 -17.13 11.51 0.70
N HIS A 27 -15.81 11.69 0.56
CA HIS A 27 -14.84 10.68 0.94
C HIS A 27 -14.97 10.23 2.38
N GLN A 28 -15.59 11.03 3.24
CA GLN A 28 -15.48 10.69 4.65
C GLN A 28 -16.26 9.45 5.06
N ARG A 29 -17.23 9.07 4.25
CA ARG A 29 -17.99 7.88 4.51
C ARG A 29 -17.11 6.66 4.67
N VAL A 30 -16.00 6.63 3.95
CA VAL A 30 -14.91 5.63 4.14
C VAL A 30 -14.59 5.38 5.61
N HIS A 31 -14.61 6.41 6.41
CA HIS A 31 -14.17 6.29 7.79
C HIS A 31 -15.31 5.99 8.76
N SER A 32 -16.56 6.16 8.32
CA SER A 32 -17.71 5.77 9.12
C SER A 32 -18.06 4.34 8.83
N ASP A 33 -18.60 3.65 9.82
CA ASP A 33 -19.15 2.31 9.62
C ASP A 33 -20.60 2.34 9.09
N ASP A 34 -21.20 3.54 9.06
CA ASP A 34 -22.54 3.70 8.55
C ASP A 34 -22.62 3.21 7.11
N ARG A 35 -23.73 2.56 6.76
CA ARG A 35 -23.92 2.04 5.41
C ARG A 35 -25.31 2.45 4.92
N PRO A 36 -25.53 3.78 4.74
CA PRO A 36 -26.83 4.32 4.35
C PRO A 36 -27.56 3.61 3.24
N LEU A 37 -26.90 3.26 2.14
CA LEU A 37 -27.67 2.73 0.99
C LEU A 37 -28.02 1.26 1.17
N LYS A 38 -29.26 0.94 0.88
CA LYS A 38 -29.79 -0.42 1.12
C LYS A 38 -30.00 -1.11 -0.20
N CYS A 39 -29.75 -2.41 -0.24
CA CYS A 39 -30.20 -3.22 -1.38
C CYS A 39 -31.71 -3.15 -1.45
N PRO A 40 -32.25 -2.98 -2.67
CA PRO A 40 -33.70 -2.88 -2.81
C PRO A 40 -34.37 -4.25 -2.96
N TRP A 41 -33.58 -5.32 -3.03
CA TRP A 41 -34.16 -6.64 -3.29
C TRP A 41 -34.73 -7.25 -2.05
N LYS A 42 -35.96 -7.78 -2.13
CA LYS A 42 -36.64 -8.26 -0.93
C LYS A 42 -35.81 -9.33 -0.20
N GLY A 43 -35.68 -9.13 1.11
CA GLY A 43 -34.98 -10.03 1.96
C GLY A 43 -33.49 -10.12 1.81
N CYS A 44 -32.91 -9.20 1.02
CA CYS A 44 -31.45 -9.08 0.93
C CYS A 44 -31.02 -8.02 1.92
N LYS A 45 -30.01 -8.32 2.71
CA LYS A 45 -29.57 -7.46 3.80
C LYS A 45 -28.28 -6.75 3.45
N MET A 46 -27.78 -6.92 2.22
CA MET A 46 -26.62 -6.16 1.76
C MET A 46 -26.84 -4.65 1.84
N THR A 47 -25.78 -3.94 2.20
CA THR A 47 -25.81 -2.48 2.34
C THR A 47 -24.60 -1.90 1.65
N PHE A 48 -24.64 -0.60 1.37
CA PHE A 48 -23.51 0.06 0.74
C PHE A 48 -23.28 1.45 1.31
N LYS A 49 -22.12 1.97 0.98
CA LYS A 49 -21.82 3.39 1.14
C LYS A 49 -21.92 4.08 -0.22
N TRP A 50 -21.84 3.31 -1.32
CA TRP A 50 -21.72 3.94 -2.64
C TRP A 50 -22.78 3.44 -3.55
N ALA A 51 -23.47 4.35 -4.21
CA ALA A 51 -24.51 4.04 -5.20
C ALA A 51 -23.98 3.13 -6.29
N TRP A 52 -22.75 3.30 -6.76
CA TRP A 52 -22.34 2.48 -7.87
C TRP A 52 -22.15 1.01 -7.46
N SER A 53 -21.62 0.80 -6.27
CA SER A 53 -21.66 -0.50 -5.66
C SER A 53 -23.07 -1.10 -5.71
N ARG A 54 -24.08 -0.30 -5.33
CA ARG A 54 -25.44 -0.76 -5.31
C ARG A 54 -25.89 -1.14 -6.71
N THR A 55 -25.93 -0.18 -7.61
CA THR A 55 -26.23 -0.39 -9.01
C THR A 55 -25.68 -1.70 -9.55
N GLU A 56 -24.41 -2.00 -9.25
CA GLU A 56 -23.84 -3.20 -9.82
C GLU A 56 -24.27 -4.41 -9.05
N HIS A 57 -24.36 -4.28 -7.72
CA HIS A 57 -24.83 -5.39 -6.91
C HIS A 57 -26.19 -5.89 -7.41
N ILE A 58 -27.03 -4.96 -7.80
CA ILE A 58 -28.39 -5.27 -8.21
C ILE A 58 -28.38 -6.28 -9.37
N ARG A 59 -27.46 -6.12 -10.32
CA ARG A 59 -27.40 -7.08 -11.42
C ARG A 59 -27.02 -8.50 -11.01
N VAL A 60 -26.59 -8.71 -9.76
CA VAL A 60 -26.40 -10.10 -9.34
C VAL A 60 -27.77 -10.72 -9.10
N HIS A 61 -28.74 -9.91 -8.64
CA HIS A 61 -30.10 -10.42 -8.50
C HIS A 61 -30.77 -10.57 -9.86
N THR A 62 -30.60 -9.56 -10.72
CA THR A 62 -31.32 -9.64 -11.99
C THR A 62 -30.61 -10.50 -13.02
N GLY A 63 -29.36 -10.88 -12.76
CA GLY A 63 -28.58 -11.65 -13.73
C GLY A 63 -28.35 -10.91 -15.06
N ALA A 64 -28.73 -9.63 -15.13
CA ALA A 64 -28.52 -8.87 -16.32
C ALA A 64 -27.03 -8.77 -16.67
N ARG A 65 -26.76 -8.72 -17.98
CA ARG A 65 -25.41 -8.59 -18.48
C ARG A 65 -25.32 -7.44 -19.47
N PRO A 66 -25.44 -6.19 -18.98
CA PRO A 66 -25.64 -5.08 -19.90
C PRO A 66 -24.47 -4.75 -20.82
N TYR A 67 -23.22 -4.92 -20.38
CA TYR A 67 -22.09 -4.52 -21.20
C TYR A 67 -21.82 -5.49 -22.32
N VAL A 68 -22.06 -5.03 -23.54
CA VAL A 68 -22.06 -5.84 -24.76
C VAL A 68 -21.02 -5.30 -25.70
N CYS A 69 -20.08 -6.14 -26.11
CA CYS A 69 -18.94 -5.68 -26.92
C CYS A 69 -19.39 -5.24 -28.29
N ALA A 70 -19.04 -3.98 -28.68
CA ALA A 70 -19.50 -3.42 -29.95
C ALA A 70 -18.63 -3.82 -31.14
N GLU A 71 -17.52 -4.49 -30.86
CA GLU A 71 -16.54 -4.91 -31.85
C GLU A 71 -17.04 -6.11 -32.65
N PRO A 72 -16.98 -6.03 -33.99
CA PRO A 72 -17.46 -7.15 -34.83
C PRO A 72 -16.66 -8.44 -34.57
N ASP A 73 -17.37 -9.57 -34.56
CA ASP A 73 -16.79 -10.88 -34.24
C ASP A 73 -16.20 -10.93 -32.83
N CYS A 74 -16.80 -10.19 -31.90
CA CYS A 74 -16.55 -10.42 -30.48
C CYS A 74 -17.82 -10.96 -29.80
N GLY A 75 -18.66 -10.06 -29.34
CA GLY A 75 -19.93 -10.41 -28.73
C GLY A 75 -19.83 -11.20 -27.43
N GLN A 76 -18.86 -10.93 -26.58
CA GLN A 76 -18.99 -11.30 -25.16
C GLN A 76 -19.79 -10.22 -24.45
N THR A 77 -20.31 -10.58 -23.28
CA THR A 77 -21.04 -9.68 -22.43
C THR A 77 -20.48 -9.68 -21.03
N PHE A 78 -20.72 -8.62 -20.26
CA PHE A 78 -20.24 -8.54 -18.88
C PHE A 78 -21.23 -7.95 -17.92
N ARG A 79 -21.26 -8.49 -16.72
CA ARG A 79 -22.16 -8.01 -15.68
C ARG A 79 -21.64 -6.69 -15.09
N PHE A 80 -20.33 -6.62 -14.86
CA PHE A 80 -19.70 -5.48 -14.20
C PHE A 80 -18.77 -4.71 -15.10
N VAL A 81 -18.62 -3.43 -14.81
CA VAL A 81 -17.77 -2.54 -15.62
C VAL A 81 -16.33 -2.97 -15.59
N SER A 82 -15.86 -3.36 -14.41
CA SER A 82 -14.49 -3.80 -14.22
C SER A 82 -14.11 -4.83 -15.28
N ASP A 83 -14.95 -5.83 -15.46
CA ASP A 83 -14.68 -6.88 -16.42
C ASP A 83 -14.57 -6.31 -17.83
N PHE A 84 -15.46 -5.39 -18.19
CA PHE A 84 -15.44 -4.81 -19.53
C PHE A 84 -14.21 -3.94 -19.80
N SER A 85 -13.73 -3.25 -18.76
CA SER A 85 -12.59 -2.37 -18.92
C SER A 85 -11.29 -3.16 -18.99
N ARG A 86 -11.14 -4.15 -18.10
CA ARG A 86 -10.04 -5.09 -18.25
C ARG A 86 -10.06 -5.73 -19.64
N HIS A 87 -11.26 -6.00 -20.16
CA HIS A 87 -11.41 -6.66 -21.44
C HIS A 87 -10.87 -5.81 -22.57
N LYS A 88 -11.39 -4.60 -22.77
CA LYS A 88 -10.87 -3.79 -23.89
C LYS A 88 -9.42 -3.43 -23.66
N ARG A 89 -8.97 -3.25 -22.43
CA ARG A 89 -7.53 -3.19 -22.14
C ARG A 89 -6.70 -4.31 -22.81
N LYS A 90 -7.11 -5.57 -22.57
CA LYS A 90 -6.41 -6.72 -23.10
C LYS A 90 -6.87 -7.15 -24.50
N THR A 91 -7.73 -6.39 -25.14
CA THR A 91 -8.10 -6.62 -26.53
C THR A 91 -7.97 -5.38 -27.45
N GLY A 92 -8.28 -4.22 -26.90
CA GLY A 92 -8.29 -2.96 -27.64
C GLY A 92 -9.58 -2.68 -28.41
N HIS A 93 -10.65 -3.36 -28.02
CA HIS A 93 -11.94 -3.15 -28.72
C HIS A 93 -12.64 -1.88 -28.26
N SER A 94 -13.14 -1.13 -29.23
CA SER A 94 -13.79 0.20 -28.99
C SER A 94 -12.88 1.23 -28.28
N ARG D 6 31.82 27.67 -15.87
CA ARG D 6 31.73 28.04 -17.31
C ARG D 6 30.85 27.05 -18.13
N ASN D 7 29.67 26.76 -17.62
CA ASN D 7 28.79 25.65 -18.03
C ASN D 7 27.51 26.25 -18.52
N ILE D 8 27.20 26.05 -19.80
CA ILE D 8 26.07 26.73 -20.40
C ILE D 8 25.12 25.74 -21.07
N CYS D 9 23.82 25.88 -20.75
CA CYS D 9 22.82 24.99 -21.33
C CYS D 9 22.67 25.29 -22.83
N PRO D 10 22.84 24.25 -23.68
CA PRO D 10 22.79 24.53 -25.14
C PRO D 10 21.38 24.76 -25.68
N ILE D 11 20.32 24.49 -24.89
CA ILE D 11 18.96 24.73 -25.41
C ILE D 11 18.68 26.22 -25.50
N LYS D 12 18.49 26.64 -26.72
CA LYS D 12 18.34 28.00 -27.08
C LYS D 12 17.84 28.98 -26.08
N GLY D 13 16.58 29.17 -26.07
CA GLY D 13 15.93 30.15 -25.21
C GLY D 13 16.18 30.07 -23.70
N CYS D 14 17.07 29.21 -23.27
CA CYS D 14 17.46 29.09 -21.88
C CYS D 14 18.89 29.51 -21.53
N GLY D 15 19.86 28.93 -22.21
CA GLY D 15 21.26 29.31 -22.11
C GLY D 15 21.81 29.64 -20.73
N LYS D 16 21.26 29.01 -19.68
CA LYS D 16 21.67 29.31 -18.32
C LYS D 16 23.09 28.77 -18.07
N ASN D 17 23.71 29.33 -17.03
CA ASN D 17 25.07 29.01 -16.65
C ASN D 17 25.09 28.31 -15.28
N PHE D 18 25.93 27.29 -15.13
CA PHE D 18 25.93 26.43 -13.96
C PHE D 18 27.30 26.21 -13.36
N PHE D 19 27.38 26.24 -12.03
CA PHE D 19 28.61 26.00 -11.27
C PHE D 19 29.36 24.74 -11.70
N SER D 20 28.62 23.65 -12.00
CA SER D 20 29.26 22.39 -12.31
C SER D 20 28.76 21.82 -13.63
N HIS D 21 29.58 20.97 -14.22
CA HIS D 21 29.12 20.31 -15.44
C HIS D 21 28.13 19.22 -15.13
N LYS D 22 28.34 18.50 -14.02
CA LYS D 22 27.43 17.44 -13.64
C LYS D 22 26.02 17.98 -13.46
N TYR D 23 25.90 19.14 -12.80
CA TYR D 23 24.60 19.76 -12.70
C TYR D 23 24.10 20.28 -14.03
N LEU D 24 25.01 20.49 -14.98
CA LEU D 24 24.58 20.86 -16.33
C LEU D 24 23.84 19.70 -17.01
N VAL D 25 24.36 18.50 -16.84
CA VAL D 25 23.61 17.34 -17.33
C VAL D 25 22.30 17.19 -16.58
N GLN D 26 22.35 17.19 -15.26
CA GLN D 26 21.14 17.00 -14.43
C GLN D 26 20.06 18.01 -14.73
N HIS D 27 20.48 19.24 -15.05
CA HIS D 27 19.57 20.32 -15.40
C HIS D 27 18.65 19.96 -16.58
N GLN D 28 19.01 18.99 -17.38
CA GLN D 28 18.26 18.84 -18.62
C GLN D 28 16.84 18.34 -18.47
N ARG D 29 16.57 17.70 -17.34
CA ARG D 29 15.23 17.26 -17.05
C ARG D 29 14.20 18.37 -17.15
N VAL D 30 14.61 19.60 -16.85
CA VAL D 30 13.82 20.83 -17.13
C VAL D 30 13.15 20.82 -18.51
N HIS D 31 13.82 20.27 -19.50
CA HIS D 31 13.33 20.41 -20.86
C HIS D 31 12.45 19.22 -21.28
N SER D 32 12.85 18.03 -20.87
CA SER D 32 12.03 16.85 -21.10
C SER D 32 10.75 16.95 -20.34
N ASP D 33 9.70 16.37 -20.92
CA ASP D 33 8.41 16.23 -20.25
C ASP D 33 8.36 15.00 -19.33
N ASP D 34 9.41 14.17 -19.36
CA ASP D 34 9.54 13.05 -18.45
C ASP D 34 9.41 13.49 -17.01
N ARG D 35 8.69 12.69 -16.21
CA ARG D 35 8.57 12.95 -14.80
C ARG D 35 8.81 11.63 -14.08
N PRO D 36 10.05 11.09 -14.14
CA PRO D 36 10.39 9.82 -13.53
C PRO D 36 9.91 9.62 -12.11
N LEU D 37 10.05 10.58 -11.22
CA LEU D 37 9.76 10.32 -9.81
C LEU D 37 8.28 10.36 -9.50
N LYS D 38 7.86 9.38 -8.72
CA LYS D 38 6.44 9.17 -8.41
C LYS D 38 6.14 9.54 -6.99
N CYS D 39 4.93 10.04 -6.74
CA CYS D 39 4.42 10.12 -5.36
C CYS D 39 4.30 8.70 -4.84
N PRO D 40 4.73 8.46 -3.59
CA PRO D 40 4.63 7.13 -3.02
C PRO D 40 3.25 6.85 -2.37
N TRP D 41 2.38 7.86 -2.31
CA TRP D 41 1.15 7.73 -1.58
C TRP D 41 0.10 7.07 -2.40
N LYS D 42 -0.61 6.08 -1.83
CA LYS D 42 -1.63 5.34 -2.57
C LYS D 42 -2.66 6.29 -3.17
N GLY D 43 -2.96 6.08 -4.45
CA GLY D 43 -3.97 6.83 -5.15
C GLY D 43 -3.63 8.28 -5.44
N CYS D 44 -2.39 8.69 -5.20
CA CYS D 44 -1.97 10.03 -5.63
C CYS D 44 -1.30 9.90 -6.98
N LYS D 45 -1.67 10.74 -7.94
CA LYS D 45 -1.12 10.66 -9.29
C LYS D 45 0.05 11.61 -9.54
N MET D 46 0.44 12.40 -8.53
CA MET D 46 1.48 13.37 -8.69
C MET D 46 2.83 12.72 -9.09
N THR D 47 3.57 13.43 -9.94
CA THR D 47 4.87 13.04 -10.41
C THR D 47 5.83 14.20 -10.28
N PHE D 48 7.13 13.93 -10.33
CA PHE D 48 8.14 14.97 -10.23
C PHE D 48 9.33 14.65 -11.13
N LYS D 49 10.17 15.67 -11.29
CA LYS D 49 11.50 15.53 -11.82
C LYS D 49 12.53 15.68 -10.70
N TRP D 50 12.14 16.21 -9.55
CA TRP D 50 13.15 16.47 -8.50
C TRP D 50 12.78 15.81 -7.22
N ALA D 51 13.73 15.07 -6.64
CA ALA D 51 13.58 14.43 -5.36
C ALA D 51 13.07 15.39 -4.27
N TRP D 52 13.56 16.63 -4.22
CA TRP D 52 13.20 17.47 -3.11
C TRP D 52 11.75 17.92 -3.20
N SER D 53 11.30 18.20 -4.43
CA SER D 53 9.88 18.38 -4.65
C SER D 53 9.09 17.21 -4.04
N ARG D 54 9.51 15.98 -4.36
CA ARG D 54 8.85 14.80 -3.82
C ARG D 54 8.87 14.78 -2.28
N THR D 55 10.04 14.85 -1.71
CA THR D 55 10.20 14.91 -0.26
C THR D 55 9.22 15.86 0.39
N GLU D 56 9.07 17.06 -0.16
CA GLU D 56 8.21 18.03 0.52
C GLU D 56 6.75 17.73 0.21
N HIS D 57 6.48 17.28 -1.03
CA HIS D 57 5.11 16.91 -1.36
C HIS D 57 4.58 15.86 -0.40
N ILE D 58 5.43 14.95 0.00
CA ILE D 58 4.99 13.86 0.90
C ILE D 58 4.37 14.42 2.18
N ARG D 59 4.99 15.46 2.73
CA ARG D 59 4.45 16.01 3.98
C ARG D 59 3.09 16.68 3.82
N VAL D 60 2.60 16.84 2.59
CA VAL D 60 1.23 17.31 2.45
C VAL D 60 0.30 16.16 2.79
N HIS D 61 0.70 14.92 2.47
CA HIS D 61 -0.06 13.75 2.89
C HIS D 61 0.12 13.49 4.39
N THR D 62 1.36 13.61 4.88
CA THR D 62 1.53 13.30 6.31
C THR D 62 1.19 14.44 7.24
N GLY D 63 0.99 15.64 6.72
CA GLY D 63 0.71 16.81 7.56
C GLY D 63 1.84 17.15 8.56
N ALA D 64 2.98 16.46 8.42
CA ALA D 64 4.12 16.74 9.25
C ALA D 64 4.57 18.19 9.12
N ARG D 65 5.10 18.74 10.21
CA ARG D 65 5.68 20.08 10.22
C ARG D 65 7.07 20.03 10.84
N PRO D 66 8.03 19.41 10.13
CA PRO D 66 9.33 19.15 10.74
C PRO D 66 10.17 20.36 11.14
N TYR D 67 10.06 21.48 10.44
CA TYR D 67 10.85 22.65 10.76
C TYR D 67 10.31 23.38 11.98
N VAL D 68 11.08 23.33 13.06
CA VAL D 68 10.66 23.79 14.40
C VAL D 68 11.63 24.87 14.85
N CYS D 69 11.13 26.03 15.20
CA CYS D 69 11.97 27.19 15.44
C CYS D 69 12.80 27.03 16.70
N ALA D 70 14.10 27.29 16.57
CA ALA D 70 15.05 27.12 17.69
C ALA D 70 15.14 28.36 18.57
N GLU D 71 14.53 29.46 18.15
CA GLU D 71 14.60 30.73 18.87
C GLU D 71 13.71 30.72 20.11
N PRO D 72 14.26 31.13 21.26
CA PRO D 72 13.43 31.20 22.50
C PRO D 72 12.26 32.17 22.36
N ASP D 73 11.11 31.79 22.90
CA ASP D 73 9.86 32.54 22.78
C ASP D 73 9.43 32.72 21.32
N CYS D 74 9.76 31.77 20.47
CA CYS D 74 9.13 31.69 19.16
C CYS D 74 8.28 30.42 19.06
N GLY D 75 8.90 29.32 18.65
CA GLY D 75 8.23 28.05 18.51
C GLY D 75 7.08 27.99 17.53
N GLN D 76 7.21 28.62 16.37
CA GLN D 76 6.35 28.24 15.24
C GLN D 76 6.94 27.03 14.54
N THR D 77 6.12 26.37 13.74
CA THR D 77 6.55 25.23 12.95
C THR D 77 6.17 25.40 11.49
N PHE D 78 6.90 24.74 10.60
CA PHE D 78 6.66 24.87 9.17
C PHE D 78 6.74 23.56 8.41
N ARG D 79 5.88 23.45 7.41
CA ARG D 79 5.82 22.26 6.59
C ARG D 79 6.93 22.25 5.57
N PHE D 80 7.16 23.40 4.93
CA PHE D 80 8.16 23.50 3.86
C PHE D 80 9.31 24.40 4.24
N VAL D 81 10.48 24.14 3.62
CA VAL D 81 11.70 24.86 3.93
C VAL D 81 11.56 26.36 3.59
N SER D 82 10.93 26.62 2.46
CA SER D 82 10.78 27.96 1.95
C SER D 82 10.18 28.85 3.04
N ASP D 83 9.12 28.38 3.67
CA ASP D 83 8.48 29.13 4.75
C ASP D 83 9.44 29.40 5.90
N PHE D 84 10.23 28.41 6.27
CA PHE D 84 11.25 28.62 7.34
C PHE D 84 12.35 29.64 6.94
N SER D 85 12.68 29.69 5.67
CA SER D 85 13.70 30.62 5.19
C SER D 85 13.18 32.06 5.12
N ARG D 86 11.97 32.22 4.59
CA ARG D 86 11.29 33.49 4.64
C ARG D 86 11.19 33.95 6.12
N HIS D 87 10.94 33.00 7.02
CA HIS D 87 10.90 33.32 8.44
C HIS D 87 12.23 33.87 8.96
N LYS D 88 13.33 33.15 8.72
CA LYS D 88 14.66 33.65 9.13
C LYS D 88 14.95 35.06 8.59
N ARG D 89 14.62 35.28 7.32
CA ARG D 89 14.86 36.57 6.71
C ARG D 89 14.04 37.68 7.37
N LYS D 90 12.71 37.67 7.24
CA LYS D 90 11.87 38.68 7.89
C LYS D 90 11.99 38.67 9.44
N THR D 91 12.79 37.78 10.03
CA THR D 91 12.74 37.59 11.48
C THR D 91 14.07 37.59 12.23
N GLY D 92 15.09 36.98 11.64
CA GLY D 92 16.43 36.94 12.27
C GLY D 92 16.65 35.82 13.26
N HIS D 93 15.73 34.85 13.33
CA HIS D 93 15.86 33.71 14.24
C HIS D 93 16.81 32.64 13.76
N SER D 94 17.48 31.97 14.69
CA SER D 94 18.33 30.78 14.43
C SER D 94 19.51 31.09 13.53
N ARG K 6 25.71 -15.90 -22.18
CA ARG K 6 25.38 -16.72 -21.04
C ARG K 6 24.09 -17.46 -21.39
N ASN K 7 23.18 -17.60 -20.43
CA ASN K 7 21.87 -18.28 -20.66
C ASN K 7 20.56 -17.89 -21.31
N ILE K 8 20.09 -18.62 -22.31
CA ILE K 8 18.85 -18.37 -23.03
C ILE K 8 18.22 -19.66 -23.56
N CYS K 9 16.90 -19.77 -23.40
CA CYS K 9 16.10 -20.89 -23.91
C CYS K 9 16.13 -20.97 -25.44
N PRO K 10 16.32 -22.16 -26.02
CA PRO K 10 16.46 -22.28 -27.47
C PRO K 10 15.18 -22.07 -28.31
N ILE K 11 14.04 -21.93 -27.67
CA ILE K 11 12.74 -21.98 -28.36
C ILE K 11 12.32 -20.65 -28.96
N LYS K 12 11.81 -20.65 -30.18
CA LYS K 12 10.97 -19.65 -30.72
C LYS K 12 9.79 -19.34 -29.77
N GLY K 13 9.74 -18.10 -29.31
CA GLY K 13 8.64 -17.63 -28.49
C GLY K 13 8.74 -17.90 -27.01
N CYS K 14 9.86 -18.43 -26.53
CA CYS K 14 10.17 -18.54 -25.11
C CYS K 14 11.45 -17.76 -24.80
N GLY K 15 12.62 -18.27 -25.21
CA GLY K 15 13.87 -17.54 -25.08
C GLY K 15 14.16 -16.88 -23.74
N LYS K 16 13.69 -17.53 -22.68
CA LYS K 16 13.87 -17.02 -21.31
C LYS K 16 15.31 -17.10 -20.87
N ASN K 17 15.63 -16.30 -19.84
CA ASN K 17 16.97 -16.27 -19.24
C ASN K 17 16.95 -16.89 -17.85
N PHE K 18 17.97 -17.69 -17.57
CA PHE K 18 18.10 -18.43 -16.30
C PHE K 18 19.51 -18.29 -15.76
N PHE K 19 19.64 -18.09 -14.45
CA PHE K 19 20.95 -17.97 -13.77
C PHE K 19 21.90 -19.14 -14.05
N SER K 20 21.35 -20.36 -14.21
CA SER K 20 22.11 -21.54 -14.61
C SER K 20 21.40 -22.25 -15.77
N HIS K 21 21.93 -23.40 -16.21
CA HIS K 21 21.45 -24.00 -17.40
C HIS K 21 21.24 -25.49 -17.39
N LYS K 22 21.86 -26.22 -16.46
CA LYS K 22 21.30 -27.53 -16.07
C LYS K 22 19.78 -27.43 -15.82
N TYR K 23 19.37 -26.33 -15.22
CA TYR K 23 17.97 -26.01 -15.13
C TYR K 23 17.30 -25.80 -16.47
N LEU K 24 18.07 -25.42 -17.49
CA LEU K 24 17.46 -25.18 -18.79
C LEU K 24 17.18 -26.52 -19.45
N VAL K 25 18.06 -27.51 -19.30
CA VAL K 25 17.76 -28.79 -19.97
C VAL K 25 16.52 -29.43 -19.37
N GLN K 26 16.47 -29.52 -18.03
CA GLN K 26 15.28 -30.00 -17.35
C GLN K 26 14.04 -29.17 -17.62
N HIS K 27 14.19 -27.85 -17.68
CA HIS K 27 13.05 -26.98 -17.95
C HIS K 27 12.36 -27.30 -19.30
N GLN K 28 13.05 -28.01 -20.20
CA GLN K 28 12.43 -28.24 -21.47
C GLN K 28 11.52 -29.46 -21.46
N ARG K 29 11.30 -30.08 -20.30
CA ARG K 29 10.16 -31.00 -20.20
C ARG K 29 8.86 -30.24 -20.59
N VAL K 30 8.79 -28.95 -20.22
CA VAL K 30 7.71 -28.05 -20.57
C VAL K 30 7.22 -28.20 -22.00
N HIS K 31 8.15 -28.38 -22.94
CA HIS K 31 7.74 -28.40 -24.33
C HIS K 31 7.51 -29.81 -24.86
N SER K 32 7.83 -30.85 -24.08
CA SER K 32 7.29 -32.19 -24.37
C SER K 32 6.04 -32.38 -23.54
N ASP K 33 5.07 -33.05 -24.15
CA ASP K 33 3.79 -33.28 -23.47
C ASP K 33 3.76 -34.57 -22.70
N ASP K 34 4.82 -35.35 -22.76
CA ASP K 34 4.92 -36.59 -22.00
C ASP K 34 4.78 -36.33 -20.50
N ARG K 35 4.31 -37.32 -19.76
CA ARG K 35 3.90 -37.13 -18.36
C ARG K 35 4.48 -38.14 -17.36
N PRO K 36 5.56 -37.76 -16.62
CA PRO K 36 6.24 -38.76 -15.77
C PRO K 36 5.51 -39.13 -14.45
N LEU K 37 5.24 -38.12 -13.65
CA LEU K 37 5.00 -38.29 -12.22
C LEU K 37 3.53 -38.55 -11.99
N LYS K 38 3.17 -39.78 -11.65
CA LYS K 38 1.79 -40.15 -11.38
C LYS K 38 1.34 -39.57 -10.03
N CYS K 39 0.03 -39.36 -9.86
CA CYS K 39 -0.51 -39.11 -8.54
C CYS K 39 -0.50 -40.40 -7.76
N PRO K 40 -0.12 -40.33 -6.47
CA PRO K 40 -0.09 -41.53 -5.64
C PRO K 40 -1.44 -41.90 -5.05
N TRP K 41 -2.46 -41.05 -5.20
CA TRP K 41 -3.77 -41.37 -4.66
C TRP K 41 -4.51 -42.38 -5.49
N LYS K 42 -5.00 -43.43 -4.81
CA LYS K 42 -5.73 -44.51 -5.47
C LYS K 42 -6.91 -43.95 -6.25
N GLY K 43 -7.07 -44.46 -7.47
CA GLY K 43 -8.23 -44.09 -8.28
C GLY K 43 -8.15 -42.69 -8.89
N CYS K 44 -7.07 -41.95 -8.62
CA CYS K 44 -6.82 -40.68 -9.23
C CYS K 44 -5.92 -40.94 -10.44
N LYS K 45 -6.35 -40.41 -11.59
CA LYS K 45 -5.63 -40.63 -12.84
C LYS K 45 -4.74 -39.46 -13.21
N MET K 46 -4.78 -38.40 -12.39
CA MET K 46 -4.05 -37.18 -12.71
C MET K 46 -2.55 -37.38 -12.75
N THR K 47 -1.88 -36.74 -13.70
CA THR K 47 -0.45 -36.97 -13.94
C THR K 47 0.23 -35.64 -14.09
N PHE K 48 1.55 -35.63 -13.85
CA PHE K 48 2.29 -34.34 -13.90
C PHE K 48 3.66 -34.50 -14.47
N LYS K 49 4.43 -33.41 -14.40
CA LYS K 49 5.82 -33.35 -14.90
C LYS K 49 6.73 -32.62 -13.91
N TRP K 50 6.16 -31.77 -13.06
CA TRP K 50 6.90 -31.15 -11.97
C TRP K 50 6.52 -31.72 -10.61
N ALA K 51 7.55 -32.04 -9.84
CA ALA K 51 7.35 -32.64 -8.53
C ALA K 51 6.49 -31.78 -7.62
N TRP K 52 6.78 -30.48 -7.53
CA TRP K 52 6.25 -29.73 -6.39
C TRP K 52 4.75 -29.50 -6.58
N SER K 53 4.32 -29.25 -7.80
CA SER K 53 2.90 -29.21 -8.09
C SER K 53 2.19 -30.45 -7.53
N ARG K 54 2.73 -31.63 -7.84
CA ARG K 54 2.18 -32.89 -7.34
C ARG K 54 2.21 -32.93 -5.80
N THR K 55 3.35 -32.71 -5.19
CA THR K 55 3.44 -32.59 -3.74
C THR K 55 2.26 -31.81 -3.13
N GLU K 56 1.95 -30.66 -3.71
CA GLU K 56 0.91 -29.84 -3.15
C GLU K 56 -0.48 -30.39 -3.51
N HIS K 57 -0.60 -30.92 -4.73
CA HIS K 57 -1.80 -31.59 -5.16
C HIS K 57 -2.24 -32.61 -4.11
N ILE K 58 -1.29 -33.36 -3.58
CA ILE K 58 -1.58 -34.43 -2.66
C ILE K 58 -2.42 -33.91 -1.48
N ARG K 59 -2.09 -32.74 -0.94
CA ARG K 59 -2.84 -32.25 0.21
C ARG K 59 -4.29 -31.87 -0.13
N VAL K 60 -4.68 -31.89 -1.40
CA VAL K 60 -6.09 -31.74 -1.71
C VAL K 60 -6.82 -33.02 -1.34
N HIS K 61 -6.16 -34.17 -1.51
CA HIS K 61 -6.72 -35.43 -1.05
C HIS K 61 -6.57 -35.53 0.48
N THR K 62 -5.45 -35.11 1.04
CA THR K 62 -5.24 -35.22 2.45
C THR K 62 -5.90 -34.16 3.31
N GLY K 63 -6.41 -33.10 2.70
CA GLY K 63 -6.99 -31.97 3.45
C GLY K 63 -6.03 -31.28 4.44
N ALA K 64 -4.79 -31.70 4.46
CA ALA K 64 -3.81 -31.15 5.38
C ALA K 64 -3.60 -29.66 5.08
N ARG K 65 -3.34 -28.90 6.14
CA ARG K 65 -3.12 -27.47 6.08
C ARG K 65 -1.84 -27.17 6.86
N PRO K 66 -0.69 -27.48 6.25
CA PRO K 66 0.53 -27.56 7.06
C PRO K 66 1.06 -26.24 7.59
N TYR K 67 0.95 -25.16 6.84
CA TYR K 67 1.67 -23.92 7.26
C TYR K 67 0.82 -23.20 8.30
N VAL K 68 1.35 -23.14 9.52
CA VAL K 68 0.69 -22.52 10.68
C VAL K 68 1.56 -21.36 11.15
N CYS K 69 0.93 -20.18 11.27
CA CYS K 69 1.69 -19.02 11.70
C CYS K 69 2.16 -19.14 13.16
N ALA K 70 3.41 -18.73 13.36
CA ALA K 70 4.07 -18.72 14.66
C ALA K 70 3.68 -17.54 15.57
N GLU K 71 2.78 -16.67 15.09
CA GLU K 71 2.35 -15.52 15.81
C GLU K 71 1.40 -15.88 16.98
N PRO K 72 1.68 -15.35 18.19
CA PRO K 72 0.69 -15.39 19.27
C PRO K 72 -0.62 -14.70 18.91
N ASP K 73 -1.73 -15.33 19.30
CA ASP K 73 -3.08 -14.86 18.96
C ASP K 73 -3.33 -14.66 17.46
N CYS K 74 -2.56 -15.38 16.63
CA CYS K 74 -2.85 -15.45 15.22
C CYS K 74 -3.24 -16.89 14.91
N GLY K 75 -2.27 -17.75 14.57
CA GLY K 75 -2.57 -19.16 14.35
C GLY K 75 -3.59 -19.51 13.29
N GLN K 76 -3.47 -18.88 12.13
CA GLN K 76 -4.23 -19.34 10.97
C GLN K 76 -3.42 -20.43 10.29
N THR K 77 -4.10 -21.17 9.41
CA THR K 77 -3.44 -22.18 8.61
C THR K 77 -3.79 -21.95 7.15
N PHE K 78 -2.93 -22.46 6.28
CA PHE K 78 -3.14 -22.33 4.83
C PHE K 78 -2.60 -23.59 4.19
N ARG K 79 -3.26 -24.04 3.12
CA ARG K 79 -2.94 -25.32 2.52
C ARG K 79 -1.61 -25.27 1.77
N PHE K 80 -1.41 -24.18 1.03
CA PHE K 80 -0.26 -24.04 0.14
C PHE K 80 0.65 -22.91 0.65
N VAL K 81 1.92 -22.98 0.28
CA VAL K 81 2.92 -22.03 0.74
C VAL K 81 2.60 -20.61 0.30
N SER K 82 2.17 -20.50 -0.94
CA SER K 82 1.80 -19.21 -1.54
C SER K 82 0.91 -18.42 -0.58
N ASP K 83 -0.14 -19.07 -0.10
CA ASP K 83 -1.11 -18.42 0.76
C ASP K 83 -0.44 -17.96 2.05
N PHE K 84 0.47 -18.75 2.60
CA PHE K 84 1.21 -18.33 3.79
C PHE K 84 2.11 -17.13 3.57
N SER K 85 2.73 -17.02 2.39
CA SER K 85 3.58 -15.84 2.15
C SER K 85 2.77 -14.58 1.84
N ARG K 86 1.67 -14.75 1.11
CA ARG K 86 0.64 -13.73 0.96
C ARG K 86 0.24 -13.15 2.32
N HIS K 87 -0.27 -14.02 3.19
CA HIS K 87 -0.55 -13.66 4.59
C HIS K 87 0.65 -12.95 5.29
N LYS K 88 1.82 -13.55 5.26
CA LYS K 88 2.99 -13.10 5.97
C LYS K 88 3.36 -11.64 5.61
N ARG K 89 3.32 -11.33 4.32
CA ARG K 89 3.57 -9.95 3.90
C ARG K 89 2.42 -9.08 4.36
N LYS K 90 1.20 -9.59 4.25
CA LYS K 90 0.01 -8.82 4.71
C LYS K 90 -0.01 -8.59 6.23
N THR K 91 0.91 -9.22 6.99
CA THR K 91 0.79 -9.26 8.45
C THR K 91 2.10 -8.91 9.21
N GLY K 92 3.26 -9.26 8.65
CA GLY K 92 4.54 -9.04 9.29
C GLY K 92 4.99 -10.11 10.28
N HIS K 93 4.27 -11.23 10.30
CA HIS K 93 4.53 -12.35 11.17
C HIS K 93 5.64 -13.23 10.62
N SER K 94 6.43 -13.82 11.53
CA SER K 94 7.47 -14.81 11.19
C SER K 94 8.57 -14.16 10.35
N ASN L 7 -15.99 -2.62 34.27
CA ASN L 7 -15.45 -3.00 32.94
C ASN L 7 -14.52 -4.21 32.77
N ILE L 8 -15.02 -5.29 32.19
CA ILE L 8 -14.30 -6.57 32.10
C ILE L 8 -14.61 -7.25 30.78
N CYS L 9 -13.58 -7.75 30.09
CA CYS L 9 -13.72 -8.48 28.85
C CYS L 9 -14.45 -9.80 29.08
N PRO L 10 -15.49 -10.09 28.27
CA PRO L 10 -16.24 -11.33 28.43
C PRO L 10 -15.51 -12.64 28.07
N ILE L 11 -14.28 -12.55 27.58
CA ILE L 11 -13.57 -13.62 26.93
C ILE L 11 -12.74 -14.50 27.87
N LYS L 12 -12.82 -15.76 27.48
CA LYS L 12 -12.07 -16.77 28.08
C LYS L 12 -10.66 -16.34 27.75
N GLY L 13 -9.83 -16.48 28.76
CA GLY L 13 -8.41 -16.16 28.78
C GLY L 13 -7.99 -14.75 28.49
N CYS L 14 -8.91 -13.79 28.58
CA CYS L 14 -8.57 -12.36 28.48
C CYS L 14 -9.03 -11.63 29.75
N GLY L 15 -10.33 -11.38 29.87
CA GLY L 15 -10.96 -10.84 31.05
C GLY L 15 -10.24 -9.69 31.73
N LYS L 16 -9.61 -8.83 30.93
CA LYS L 16 -8.97 -7.63 31.47
C LYS L 16 -9.99 -6.61 31.96
N ASN L 17 -9.51 -5.66 32.76
CA ASN L 17 -10.29 -4.58 33.35
C ASN L 17 -9.88 -3.23 32.72
N PHE L 18 -10.87 -2.36 32.49
CA PHE L 18 -10.68 -1.12 31.76
C PHE L 18 -11.14 0.13 32.51
N PHE L 19 -11.24 1.22 31.77
CA PHE L 19 -11.70 2.52 32.28
C PHE L 19 -13.17 2.83 31.98
N SER L 20 -13.64 2.42 30.81
CA SER L 20 -15.07 2.42 30.46
C SER L 20 -15.37 1.20 29.63
N HIS L 21 -16.65 0.87 29.49
CA HIS L 21 -17.05 -0.17 28.59
C HIS L 21 -16.93 0.22 27.12
N LYS L 22 -16.72 1.49 26.82
CA LYS L 22 -16.54 1.90 25.45
C LYS L 22 -15.21 1.40 24.94
N TYR L 23 -14.14 1.47 25.73
CA TYR L 23 -12.91 0.81 25.33
C TYR L 23 -13.03 -0.71 25.22
N LEU L 24 -14.01 -1.27 25.90
CA LEU L 24 -14.43 -2.63 25.62
C LEU L 24 -15.11 -2.74 24.26
N VAL L 25 -15.83 -1.68 23.85
CA VAL L 25 -16.40 -1.67 22.52
C VAL L 25 -15.29 -1.80 21.44
N GLN L 26 -14.30 -0.91 21.52
CA GLN L 26 -13.26 -0.90 20.53
C GLN L 26 -12.30 -2.10 20.68
N HIS L 27 -11.96 -2.42 21.91
CA HIS L 27 -10.86 -3.35 22.19
C HIS L 27 -11.03 -4.71 21.53
N GLN L 28 -12.24 -5.10 21.17
CA GLN L 28 -12.45 -6.44 20.70
C GLN L 28 -12.11 -6.62 19.24
N ARG L 29 -11.54 -5.61 18.57
CA ARG L 29 -10.83 -5.89 17.33
C ARG L 29 -9.78 -7.03 17.58
N VAL L 30 -9.13 -6.97 18.74
CA VAL L 30 -8.13 -7.89 19.19
C VAL L 30 -8.50 -9.35 18.93
N HIS L 31 -9.77 -9.69 19.16
CA HIS L 31 -10.09 -11.12 19.00
C HIS L 31 -10.74 -11.42 17.67
N SER L 32 -10.41 -10.66 16.63
CA SER L 32 -10.67 -11.02 15.23
C SER L 32 -9.38 -10.81 14.45
N ASP L 33 -9.18 -11.65 13.44
CA ASP L 33 -7.97 -11.59 12.65
C ASP L 33 -8.07 -10.63 11.46
N ASP L 34 -9.25 -10.06 11.25
CA ASP L 34 -9.42 -9.04 10.22
C ASP L 34 -8.49 -7.86 10.49
N ARG L 35 -7.99 -7.25 9.43
CA ARG L 35 -7.12 -6.08 9.54
C ARG L 35 -7.62 -4.89 8.68
N PRO L 36 -8.27 -3.89 9.31
CA PRO L 36 -8.92 -2.81 8.52
C PRO L 36 -7.97 -1.77 7.88
N LEU L 37 -7.11 -1.18 8.70
CA LEU L 37 -6.45 0.06 8.37
C LEU L 37 -5.20 -0.21 7.54
N LYS L 38 -5.37 -0.28 6.23
CA LYS L 38 -4.31 -0.46 5.25
C LYS L 38 -3.18 0.60 5.32
N CYS L 39 -2.02 0.22 4.82
CA CYS L 39 -0.91 1.12 4.70
C CYS L 39 -1.14 2.02 3.51
N PRO L 40 -0.81 3.33 3.63
CA PRO L 40 -0.93 4.24 2.51
C PRO L 40 0.25 4.23 1.54
N TRP L 41 1.33 3.52 1.86
CA TRP L 41 2.51 3.56 1.01
C TRP L 41 2.38 2.62 -0.20
N LYS L 42 2.68 3.17 -1.37
CA LYS L 42 2.67 2.41 -2.61
C LYS L 42 3.49 1.12 -2.51
N GLY L 43 2.90 0.04 -2.99
CA GLY L 43 3.55 -1.25 -3.06
C GLY L 43 3.76 -1.93 -1.71
N CYS L 44 3.21 -1.34 -0.64
CA CYS L 44 3.28 -1.92 0.68
C CYS L 44 2.00 -2.71 0.89
N LYS L 45 2.14 -3.96 1.33
CA LYS L 45 0.98 -4.83 1.54
C LYS L 45 0.52 -4.86 3.01
N MET L 46 1.27 -4.18 3.88
CA MET L 46 1.02 -4.28 5.31
C MET L 46 -0.34 -3.75 5.69
N THR L 47 -0.97 -4.39 6.66
CA THR L 47 -2.30 -4.02 7.16
C THR L 47 -2.26 -3.99 8.67
N PHE L 48 -3.20 -3.30 9.28
CA PHE L 48 -3.26 -3.13 10.73
C PHE L 48 -4.65 -3.16 11.28
N LYS L 49 -4.77 -2.97 12.61
CA LYS L 49 -6.04 -2.85 13.31
C LYS L 49 -6.10 -1.60 14.18
N TRP L 50 -4.96 -1.09 14.60
CA TRP L 50 -4.88 0.10 15.44
C TRP L 50 -4.31 1.29 14.67
N ALA L 51 -4.95 2.43 14.82
CA ALA L 51 -4.53 3.65 14.17
C ALA L 51 -3.09 4.05 14.52
N TRP L 52 -2.74 4.02 15.79
CA TRP L 52 -1.49 4.70 16.18
C TRP L 52 -0.27 3.91 15.70
N SER L 53 -0.37 2.58 15.76
CA SER L 53 0.61 1.74 15.13
C SER L 53 0.86 2.17 13.70
N ARG L 54 -0.20 2.29 12.90
CA ARG L 54 -0.08 2.74 11.51
C ARG L 54 0.60 4.13 11.43
N THR L 55 0.02 5.11 12.12
CA THR L 55 0.59 6.43 12.18
C THR L 55 2.12 6.43 12.31
N GLU L 56 2.63 5.58 13.20
CA GLU L 56 4.06 5.58 13.40
C GLU L 56 4.75 4.75 12.33
N HIS L 57 4.13 3.64 11.97
CA HIS L 57 4.65 2.74 10.94
C HIS L 57 5.06 3.50 9.70
N ILE L 58 4.23 4.46 9.31
CA ILE L 58 4.45 5.20 8.08
C ILE L 58 5.87 5.81 8.06
N ARG L 59 6.31 6.35 9.19
CA ARG L 59 7.62 6.94 9.25
C ARG L 59 8.77 5.96 9.08
N VAL L 60 8.51 4.66 8.98
CA VAL L 60 9.56 3.74 8.58
C VAL L 60 9.87 3.95 7.08
N HIS L 61 8.82 4.24 6.31
CA HIS L 61 8.97 4.58 4.91
C HIS L 61 9.52 6.05 4.82
N THR L 62 8.97 6.95 5.62
CA THR L 62 9.32 8.33 5.51
C THR L 62 10.61 8.74 6.19
N GLY L 63 11.19 7.87 7.02
CA GLY L 63 12.38 8.24 7.78
C GLY L 63 12.25 9.43 8.73
N ALA L 64 11.04 9.95 8.86
CA ALA L 64 10.82 11.10 9.74
C ALA L 64 11.21 10.81 11.19
N ARG L 65 11.71 11.82 11.88
CA ARG L 65 12.11 11.72 13.28
C ARG L 65 11.47 12.87 14.05
N PRO L 66 10.16 12.79 14.27
CA PRO L 66 9.42 13.99 14.72
C PRO L 66 9.76 14.48 16.12
N TYR L 67 10.02 13.59 17.08
CA TYR L 67 10.08 14.01 18.47
C TYR L 67 11.43 14.61 18.77
N VAL L 68 11.49 15.92 19.01
CA VAL L 68 12.71 16.69 19.14
C VAL L 68 12.72 17.33 20.53
N CYS L 69 13.80 17.10 21.27
CA CYS L 69 13.87 17.63 22.62
C CYS L 69 13.96 19.17 22.61
N ALA L 70 13.19 19.75 23.52
CA ALA L 70 13.12 21.20 23.73
C ALA L 70 14.32 21.79 24.51
N GLU L 71 15.20 20.92 24.98
CA GLU L 71 16.30 21.33 25.84
C GLU L 71 17.44 21.94 25.04
N PRO L 72 17.92 23.15 25.43
CA PRO L 72 19.09 23.73 24.78
C PRO L 72 20.35 22.87 24.93
N ASP L 73 21.14 22.77 23.85
CA ASP L 73 22.32 21.88 23.79
C ASP L 73 22.03 20.42 24.12
N CYS L 74 20.79 20.00 23.90
CA CYS L 74 20.45 18.60 23.80
C CYS L 74 20.07 18.32 22.36
N GLY L 75 18.79 18.50 22.00
CA GLY L 75 18.38 18.38 20.60
C GLY L 75 18.63 17.06 19.91
N GLN L 76 18.32 15.97 20.60
CA GLN L 76 18.25 14.67 19.95
C GLN L 76 16.87 14.51 19.34
N THR L 77 16.74 13.52 18.46
CA THR L 77 15.45 13.19 17.86
C THR L 77 15.20 11.71 18.02
N PHE L 78 13.93 11.34 17.99
CA PHE L 78 13.51 9.94 18.10
C PHE L 78 12.29 9.70 17.23
N ARG L 79 12.23 8.51 16.65
CA ARG L 79 11.24 8.20 15.64
C ARG L 79 9.89 7.95 16.27
N PHE L 80 9.88 7.19 17.37
CA PHE L 80 8.65 6.73 18.03
C PHE L 80 8.50 7.36 19.41
N VAL L 81 7.31 7.32 19.96
CA VAL L 81 6.96 8.00 21.20
C VAL L 81 7.73 7.41 22.37
N SER L 82 7.74 6.08 22.39
CA SER L 82 8.35 5.34 23.49
C SER L 82 9.77 5.84 23.70
N ASP L 83 10.52 5.96 22.59
CA ASP L 83 11.89 6.36 22.65
C ASP L 83 12.02 7.77 23.28
N PHE L 84 11.13 8.68 22.90
CA PHE L 84 11.20 10.04 23.41
C PHE L 84 10.87 10.14 24.90
N SER L 85 9.89 9.39 25.38
CA SER L 85 9.53 9.51 26.81
C SER L 85 10.51 8.78 27.69
N ARG L 86 11.03 7.63 27.21
CA ARG L 86 12.22 7.03 27.82
C ARG L 86 13.29 8.07 27.95
N HIS L 87 13.56 8.82 26.89
CA HIS L 87 14.57 9.89 26.96
C HIS L 87 14.27 10.90 28.10
N LYS L 88 13.06 11.46 28.10
CA LYS L 88 12.73 12.49 29.09
C LYS L 88 12.91 12.01 30.53
N ARG L 89 12.42 10.79 30.79
CA ARG L 89 12.54 10.26 32.16
C ARG L 89 14.01 10.10 32.50
N LYS L 90 14.75 9.55 31.56
CA LYS L 90 16.21 9.40 31.74
C LYS L 90 16.96 10.74 31.79
N THR L 91 16.29 11.87 31.53
CA THR L 91 17.00 13.14 31.34
C THR L 91 16.43 14.36 32.08
N GLY L 92 15.10 14.41 32.23
CA GLY L 92 14.42 15.52 32.90
C GLY L 92 14.13 16.72 32.02
N HIS L 93 14.30 16.58 30.70
CA HIS L 93 14.12 17.71 29.77
C HIS L 93 12.66 17.80 29.33
N SER L 94 12.15 19.03 29.20
CA SER L 94 10.77 19.31 28.80
C SER L 94 9.75 18.71 29.77
#